data_4UAI
#
_entry.id   4UAI
#
_cell.length_a   36.930
_cell.length_b   57.710
_cell.length_c   72.530
_cell.angle_alpha   90.00
_cell.angle_beta   90.00
_cell.angle_gamma   90.00
#
_symmetry.space_group_name_H-M   'P 21 21 21'
#
loop_
_entity.id
_entity.type
_entity.pdbx_description
1 polymer 'Stromal cell-derived factor 1'
2 non-polymer 1-phenyl-3-[4-(1H-tetrazol-5-yl)phenyl]urea
3 non-polymer 'SULFATE ION'
4 water water
#
_entity_poly.entity_id   1
_entity_poly.type   'polypeptide(L)'
_entity_poly.pdbx_seq_one_letter_code
;KPVSLSYRCPCRFFESHVARANVKHLKILNTPNCALQIVARLKNNNRQVCIDPKLKWIQEYLEKALNK
;
_entity_poly.pdbx_strand_id   A,B
#
loop_
_chem_comp.id
_chem_comp.type
_chem_comp.name
_chem_comp.formula
3GG non-polymer 1-phenyl-3-[4-(1H-tetrazol-5-yl)phenyl]urea 'C14 H12 N6 O'
SO4 non-polymer 'SULFATE ION' 'O4 S -2'
#
# COMPACT_ATOMS: atom_id res chain seq x y z
N LYS A 1 21.82 1.52 6.76
CA LYS A 1 22.49 2.34 5.72
C LYS A 1 21.55 3.34 5.10
N PRO A 2 22.11 4.52 4.74
CA PRO A 2 21.28 5.37 3.90
C PRO A 2 20.81 4.56 2.70
N VAL A 3 19.62 4.90 2.24
CA VAL A 3 18.99 4.19 1.17
C VAL A 3 19.81 4.30 -0.12
N SER A 4 20.48 5.44 -0.33
CA SER A 4 21.26 5.68 -1.53
C SER A 4 22.39 4.65 -1.68
N LEU A 5 22.81 4.03 -0.58
CA LEU A 5 23.93 3.09 -0.56
C LEU A 5 23.46 1.62 -0.41
N SER A 6 22.19 1.41 -0.17
CA SER A 6 21.64 0.05 0.09
C SER A 6 21.38 -0.77 -1.20
N TYR A 7 22.00 -1.93 -1.35
CA TYR A 7 21.61 -2.91 -2.38
C TYR A 7 20.72 -4.04 -1.90
N ARG A 8 20.47 -4.12 -0.60
CA ARG A 8 19.60 -5.19 -0.08
C ARG A 8 18.12 -4.91 -0.25
N CYS A 9 17.37 -5.95 -0.64
CA CYS A 9 15.91 -5.87 -0.64
C CYS A 9 15.47 -5.39 0.77
N PRO A 10 14.48 -4.49 0.82
CA PRO A 10 14.18 -3.84 2.13
C PRO A 10 13.70 -4.78 3.20
N CYS A 11 12.95 -5.80 2.84
CA CYS A 11 12.29 -6.73 3.81
C CYS A 11 13.20 -7.92 4.04
N ARG A 12 13.76 -7.97 5.24
CA ARG A 12 14.68 -9.06 5.62
C ARG A 12 13.85 -10.30 6.00
N PHE A 13 12.76 -10.03 6.74
CA PHE A 13 11.88 -11.04 7.40
C PHE A 13 10.45 -10.70 7.14
N PHE A 14 9.56 -11.67 7.25
CA PHE A 14 8.13 -11.34 7.15
C PHE A 14 7.36 -11.92 8.36
N GLU A 15 6.19 -11.34 8.60
CA GLU A 15 5.25 -11.81 9.64
C GLU A 15 4.03 -12.46 9.07
N SER A 16 3.60 -13.56 9.67
CA SER A 16 2.45 -14.26 9.18
C SER A 16 1.22 -14.09 10.03
N HIS A 17 1.33 -13.37 11.15
CA HIS A 17 0.18 -13.29 12.09
C HIS A 17 -0.25 -11.87 12.35
N VAL A 18 -0.36 -11.11 11.29
CA VAL A 18 -0.82 -9.74 11.42
C VAL A 18 -2.33 -9.68 11.11
N ALA A 19 -3.13 -9.22 12.06
CA ALA A 19 -4.58 -9.15 11.88
C ALA A 19 -4.93 -7.93 11.07
N ARG A 20 -5.87 -8.12 10.12
CA ARG A 20 -6.39 -7.02 9.34
C ARG A 20 -6.78 -5.81 10.21
N ALA A 21 -7.41 -6.05 11.33
CA ALA A 21 -7.89 -4.95 12.18
C ALA A 21 -6.75 -4.14 12.80
N ASN A 22 -5.54 -4.71 12.85
CA ASN A 22 -4.39 -3.95 13.35
C ASN A 22 -3.56 -3.26 12.27
N VAL A 23 -4.08 -3.13 11.05
CA VAL A 23 -3.32 -2.55 9.98
C VAL A 23 -3.90 -1.18 9.71
N LYS A 24 -3.04 -0.15 9.78
CA LYS A 24 -3.37 1.23 9.37
C LYS A 24 -3.42 1.28 7.85
N HIS A 25 -2.40 0.72 7.23
CA HIS A 25 -2.31 0.64 5.76
C HIS A 25 -1.30 -0.37 5.39
N LEU A 26 -1.42 -0.84 4.14
CA LEU A 26 -0.41 -1.63 3.47
C LEU A 26 0.34 -0.76 2.46
N LYS A 27 1.65 -0.85 2.48
CA LYS A 27 2.50 -0.17 1.54
C LYS A 27 3.01 -1.30 0.62
N ILE A 28 2.87 -1.11 -0.68
CA ILE A 28 3.32 -2.08 -1.67
C ILE A 28 4.51 -1.44 -2.38
N LEU A 29 5.70 -1.97 -2.12
CA LEU A 29 6.93 -1.36 -2.59
C LEU A 29 7.10 -1.65 -4.03
N ASN A 30 7.66 -0.69 -4.79
CA ASN A 30 7.91 -0.89 -6.20
C ASN A 30 9.30 -1.50 -6.41
N THR A 31 9.47 -2.74 -5.93
CA THR A 31 10.76 -3.48 -5.89
C THR A 31 10.55 -4.89 -6.48
N PRO A 32 10.41 -4.94 -7.79
CA PRO A 32 10.21 -6.19 -8.45
C PRO A 32 11.39 -7.18 -8.34
N ASN A 33 12.58 -6.71 -8.00
CA ASN A 33 13.73 -7.60 -7.81
C ASN A 33 13.57 -8.52 -6.58
N CYS A 34 12.65 -8.16 -5.69
CA CYS A 34 12.55 -8.72 -4.36
C CYS A 34 11.29 -9.55 -4.16
N ALA A 35 11.39 -10.54 -3.27
CA ALA A 35 10.28 -11.45 -2.92
C ALA A 35 9.18 -10.80 -2.12
N LEU A 36 9.53 -9.87 -1.24
CA LEU A 36 8.58 -9.38 -0.28
C LEU A 36 8.40 -7.91 -0.61
N GLN A 37 7.20 -7.54 -1.05
CA GLN A 37 6.91 -6.17 -1.39
C GLN A 37 5.83 -5.53 -0.52
N ILE A 38 5.30 -6.26 0.44
CA ILE A 38 4.15 -5.78 1.22
C ILE A 38 4.52 -5.45 2.67
N VAL A 39 4.32 -4.19 3.07
CA VAL A 39 4.69 -3.72 4.35
C VAL A 39 3.41 -3.25 5.03
N ALA A 40 3.18 -3.66 6.26
CA ALA A 40 2.04 -3.12 7.01
C ALA A 40 2.53 -2.10 8.04
N ARG A 41 1.85 -0.98 8.11
CA ARG A 41 1.99 -0.07 9.26
C ARG A 41 0.90 -0.43 10.27
N LEU A 42 1.31 -0.77 11.50
CA LEU A 42 0.39 -1.32 12.49
C LEU A 42 -0.25 -0.22 13.32
N LYS A 43 -1.52 -0.41 13.64
CA LYS A 43 -2.27 0.55 14.45
C LYS A 43 -1.82 0.60 15.92
N ASN A 44 -1.67 -0.56 16.55
CA ASN A 44 -1.42 -0.60 18.03
C ASN A 44 -0.03 -0.14 18.47
N ASN A 45 0.98 -0.28 17.63
CA ASN A 45 2.34 0.08 18.00
C ASN A 45 3.09 0.92 16.97
N ASN A 46 2.42 1.24 15.86
CA ASN A 46 3.06 2.09 14.81
C ASN A 46 4.33 1.54 14.09
N ARG A 47 4.61 0.25 14.24
CA ARG A 47 5.74 -0.34 13.56
C ARG A 47 5.35 -0.62 12.19
N GLN A 48 6.34 -0.64 11.32
CA GLN A 48 6.17 -1.16 9.98
C GLN A 48 6.79 -2.54 9.98
N VAL A 49 6.06 -3.52 9.49
CA VAL A 49 6.57 -4.88 9.38
C VAL A 49 6.26 -5.40 7.98
N CYS A 50 7.14 -6.24 7.44
CA CYS A 50 6.87 -6.84 6.17
C CYS A 50 5.94 -8.00 6.43
N ILE A 51 5.03 -8.24 5.53
CA ILE A 51 4.10 -9.32 5.74
C ILE A 51 4.14 -10.40 4.68
N ASP A 52 3.75 -11.55 5.13
CA ASP A 52 3.54 -12.70 4.28
C ASP A 52 2.51 -12.39 3.19
N PRO A 53 2.92 -12.46 1.91
CA PRO A 53 1.96 -12.15 0.83
C PRO A 53 0.85 -13.24 0.72
N LYS A 54 1.04 -14.37 1.37
CA LYS A 54 0.00 -15.41 1.46
C LYS A 54 -0.93 -15.21 2.67
N LEU A 55 -0.73 -14.16 3.45
CA LEU A 55 -1.63 -13.88 4.56
C LEU A 55 -3.05 -13.87 4.03
N LYS A 56 -3.92 -14.56 4.77
CA LYS A 56 -5.26 -14.88 4.27
C LYS A 56 -6.10 -13.72 3.71
N TRP A 57 -6.14 -12.63 4.44
CA TRP A 57 -7.05 -11.48 4.18
C TRP A 57 -6.53 -10.45 3.15
N ILE A 58 -5.28 -10.56 2.69
CA ILE A 58 -4.68 -9.51 1.85
C ILE A 58 -5.34 -9.34 0.48
N GLN A 59 -5.62 -10.43 -0.16
CA GLN A 59 -6.19 -10.37 -1.48
C GLN A 59 -7.53 -9.66 -1.49
N GLU A 60 -8.40 -9.99 -0.54
CA GLU A 60 -9.69 -9.36 -0.44
C GLU A 60 -9.58 -7.88 -0.08
N TYR A 61 -8.69 -7.57 0.83
CA TYR A 61 -8.38 -6.19 1.23
C TYR A 61 -8.05 -5.32 0.00
N LEU A 62 -7.19 -5.87 -0.86
CA LEU A 62 -6.66 -5.12 -2.02
C LEU A 62 -7.76 -5.02 -3.08
N GLU A 63 -8.51 -6.09 -3.25
CA GLU A 63 -9.57 -6.12 -4.26
C GLU A 63 -10.68 -5.11 -3.91
N LYS A 64 -11.00 -5.00 -2.64
CA LYS A 64 -12.01 -4.05 -2.20
C LYS A 64 -11.60 -2.61 -2.50
N ALA A 65 -10.31 -2.30 -2.32
CA ALA A 65 -9.82 -0.96 -2.67
C ALA A 65 -9.99 -0.62 -4.15
N LEU A 66 -9.94 -1.63 -5.01
CA LEU A 66 -9.99 -1.44 -6.44
C LEU A 66 -11.41 -1.41 -6.96
N ASN A 67 -12.29 -2.13 -6.29
CA ASN A 67 -13.64 -2.39 -6.78
C ASN A 67 -14.69 -1.40 -6.23
N LYS A 68 -14.56 -0.16 -6.65
CA LYS A 68 -15.40 0.92 -6.17
C LYS A 68 -16.41 1.31 -7.21
N PRO B 2 -16.39 19.04 18.23
CA PRO B 2 -17.26 18.84 17.08
C PRO B 2 -17.68 17.38 16.87
N VAL B 3 -18.92 17.17 16.42
CA VAL B 3 -19.44 15.84 16.11
C VAL B 3 -18.94 15.31 14.76
N SER B 4 -18.54 14.05 14.71
CA SER B 4 -18.17 13.39 13.49
C SER B 4 -19.03 12.14 13.36
N LEU B 5 -19.52 11.82 12.16
CA LEU B 5 -20.46 10.70 11.97
C LEU B 5 -19.85 9.45 11.36
N SER B 6 -18.59 9.55 10.96
CA SER B 6 -17.83 8.41 10.46
C SER B 6 -16.36 8.81 10.53
N TYR B 7 -15.49 7.85 10.31
CA TYR B 7 -14.07 8.17 10.25
C TYR B 7 -13.81 8.98 8.98
N ARG B 8 -12.90 9.95 9.06
CA ARG B 8 -12.62 10.80 7.91
C ARG B 8 -11.86 9.99 6.86
N CYS B 9 -12.16 10.25 5.61
CA CYS B 9 -11.40 9.67 4.52
C CYS B 9 -10.18 10.56 4.24
N PRO B 10 -8.97 10.04 4.44
CA PRO B 10 -7.85 10.96 4.14
C PRO B 10 -7.79 11.39 2.64
N CYS B 11 -8.26 10.53 1.73
CA CYS B 11 -8.37 10.87 0.31
C CYS B 11 -9.76 11.35 -0.04
N ARG B 12 -9.82 12.61 -0.47
CA ARG B 12 -11.05 13.25 -0.96
C ARG B 12 -11.06 13.47 -2.48
N PHE B 13 -9.88 13.54 -3.10
CA PHE B 13 -9.70 13.83 -4.52
C PHE B 13 -8.58 12.96 -5.06
N PHE B 14 -8.64 12.63 -6.35
CA PHE B 14 -7.63 11.76 -6.91
C PHE B 14 -7.06 12.27 -8.22
N GLU B 15 -5.88 11.77 -8.50
CA GLU B 15 -5.19 12.02 -9.75
C GLU B 15 -5.42 10.85 -10.66
N SER B 16 -5.70 11.12 -11.91
CA SER B 16 -5.95 10.03 -12.85
C SER B 16 -4.75 9.77 -13.79
N HIS B 17 -3.74 10.64 -13.80
CA HIS B 17 -2.63 10.57 -14.79
C HIS B 17 -1.31 10.39 -14.00
N VAL B 18 -1.22 9.30 -13.24
CA VAL B 18 0.04 8.88 -12.62
C VAL B 18 0.53 7.61 -13.34
N ALA B 19 1.80 7.63 -13.74
CA ALA B 19 2.46 6.47 -14.37
C ALA B 19 3.12 5.54 -13.36
N ARG B 20 2.96 4.23 -13.58
CA ARG B 20 3.66 3.23 -12.76
C ARG B 20 5.15 3.57 -12.55
N ALA B 21 5.84 4.01 -13.59
CA ALA B 21 7.27 4.30 -13.50
C ALA B 21 7.61 5.45 -12.55
N ASN B 22 6.63 6.31 -12.24
CA ASN B 22 6.86 7.42 -11.31
C ASN B 22 6.41 7.15 -9.88
N VAL B 23 6.16 5.89 -9.54
CA VAL B 23 5.67 5.53 -8.21
C VAL B 23 6.75 4.81 -7.42
N LYS B 24 7.11 5.35 -6.26
CA LYS B 24 8.02 4.66 -5.33
C LYS B 24 7.29 3.50 -4.69
N HIS B 25 6.07 3.79 -4.27
CA HIS B 25 5.22 2.79 -3.63
C HIS B 25 3.81 3.24 -3.64
N LEU B 26 2.91 2.29 -3.50
CA LEU B 26 1.49 2.55 -3.21
C LEU B 26 1.18 2.29 -1.74
N LYS B 27 0.27 3.04 -1.17
CA LYS B 27 -0.25 2.73 0.17
C LYS B 27 -1.72 2.49 -0.01
N ILE B 28 -2.21 1.39 0.52
CA ILE B 28 -3.65 1.09 0.49
C ILE B 28 -4.17 1.26 1.93
N LEU B 29 -4.98 2.30 2.12
CA LEU B 29 -5.36 2.73 3.45
C LEU B 29 -6.47 1.79 3.92
N ASN B 30 -6.45 1.47 5.18
CA ASN B 30 -7.47 0.61 5.78
C ASN B 30 -8.68 1.46 6.17
N THR B 31 -9.34 1.99 5.14
CA THR B 31 -10.50 2.89 5.27
C THR B 31 -11.55 2.37 4.27
N PRO B 32 -12.11 1.20 4.52
CA PRO B 32 -12.85 0.51 3.45
C PRO B 32 -14.21 1.19 3.08
N ASN B 33 -14.74 2.03 3.95
CA ASN B 33 -15.95 2.83 3.64
C ASN B 33 -15.69 4.04 2.76
N CYS B 34 -14.46 4.31 2.45
CA CYS B 34 -14.12 5.45 1.64
C CYS B 34 -13.99 4.99 0.20
N ALA B 35 -14.33 5.87 -0.72
CA ALA B 35 -14.18 5.59 -2.14
C ALA B 35 -12.70 5.49 -2.55
N LEU B 36 -11.84 6.29 -1.93
CA LEU B 36 -10.48 6.42 -2.35
C LEU B 36 -9.54 5.89 -1.24
N GLN B 37 -8.95 4.73 -1.48
CA GLN B 37 -8.10 4.12 -0.50
C GLN B 37 -6.65 4.08 -0.96
N ILE B 38 -6.36 4.56 -2.16
CA ILE B 38 -5.01 4.34 -2.72
C ILE B 38 -4.19 5.60 -2.83
N VAL B 39 -3.01 5.59 -2.24
CA VAL B 39 -2.07 6.73 -2.26
C VAL B 39 -0.83 6.27 -2.99
N ALA B 40 -0.23 7.14 -3.80
CA ALA B 40 1.09 6.93 -4.33
C ALA B 40 2.06 7.92 -3.77
N ARG B 41 3.24 7.44 -3.39
CA ARG B 41 4.39 8.29 -3.17
C ARG B 41 5.14 8.37 -4.48
N LEU B 42 5.36 9.58 -4.99
CA LEU B 42 5.95 9.76 -6.32
C LEU B 42 7.48 9.83 -6.29
N LYS B 43 8.12 9.29 -7.32
CA LYS B 43 9.59 9.29 -7.42
C LYS B 43 10.15 10.66 -7.73
N ASN B 44 9.54 11.36 -8.68
CA ASN B 44 10.14 12.62 -9.18
C ASN B 44 10.21 13.71 -8.11
N ASN B 45 9.25 13.76 -7.18
CA ASN B 45 9.24 14.83 -6.17
C ASN B 45 9.05 14.34 -4.73
N ASN B 46 8.92 13.05 -4.53
CA ASN B 46 8.67 12.49 -3.19
C ASN B 46 7.38 12.90 -2.43
N ARG B 47 6.38 13.42 -3.14
CA ARG B 47 5.10 13.80 -2.56
C ARG B 47 4.09 12.65 -2.63
N GLN B 48 3.09 12.66 -1.76
CA GLN B 48 2.03 11.67 -1.81
C GLN B 48 0.79 12.29 -2.46
N VAL B 49 0.12 11.52 -3.31
CA VAL B 49 -1.13 11.90 -3.96
C VAL B 49 -2.07 10.73 -3.91
N CYS B 50 -3.36 11.01 -3.83
CA CYS B 50 -4.29 9.93 -3.97
C CYS B 50 -4.46 9.63 -5.42
N ILE B 51 -4.67 8.35 -5.76
CA ILE B 51 -4.80 8.01 -7.15
C ILE B 51 -6.02 7.23 -7.51
N ASP B 52 -6.38 7.35 -8.78
CA ASP B 52 -7.52 6.67 -9.33
C ASP B 52 -7.37 5.14 -9.11
N PRO B 53 -8.28 4.54 -8.33
CA PRO B 53 -8.23 3.11 -8.11
C PRO B 53 -8.53 2.26 -9.37
N LYS B 54 -9.07 2.88 -10.41
CA LYS B 54 -9.40 2.15 -11.62
C LYS B 54 -8.26 2.14 -12.66
N LEU B 55 -7.14 2.78 -12.34
CA LEU B 55 -5.98 2.73 -13.26
C LEU B 55 -5.61 1.27 -13.45
N LYS B 56 -5.58 0.85 -14.70
CA LYS B 56 -5.35 -0.56 -15.00
C LYS B 56 -3.98 -1.01 -14.54
N TRP B 57 -2.97 -0.13 -14.56
CA TRP B 57 -1.65 -0.63 -14.16
C TRP B 57 -1.58 -1.03 -12.69
N ILE B 58 -2.42 -0.43 -11.86
CA ILE B 58 -2.44 -0.75 -10.42
C ILE B 58 -2.77 -2.19 -10.21
N GLN B 59 -3.69 -2.70 -11.00
CA GLN B 59 -4.07 -4.08 -10.88
C GLN B 59 -2.91 -5.06 -11.13
N GLU B 60 -2.14 -4.87 -12.21
CA GLU B 60 -0.99 -5.74 -12.45
C GLU B 60 0.13 -5.55 -11.40
N TYR B 61 0.33 -4.32 -10.95
CA TYR B 61 1.29 -3.99 -9.87
C TYR B 61 0.99 -4.78 -8.59
N LEU B 62 -0.28 -4.79 -8.20
CA LEU B 62 -0.74 -5.52 -7.02
C LEU B 62 -0.73 -7.03 -7.22
N GLU B 63 -1.09 -7.52 -8.41
CA GLU B 63 -1.05 -8.95 -8.69
C GLU B 63 0.37 -9.47 -8.58
N LYS B 64 1.33 -8.68 -9.06
CA LYS B 64 2.73 -9.12 -9.00
C LYS B 64 3.27 -9.16 -7.57
N ALA B 65 2.87 -8.20 -6.74
CA ALA B 65 3.24 -8.18 -5.31
C ALA B 65 2.70 -9.39 -4.52
N LEU B 66 1.57 -9.88 -4.96
CA LEU B 66 0.78 -10.81 -4.21
C LEU B 66 1.13 -12.21 -4.59
N ASN B 67 1.48 -12.42 -5.86
CA ASN B 67 1.51 -13.78 -6.40
C ASN B 67 2.93 -14.29 -6.28
N LYS B 68 3.48 -14.07 -5.06
CA LYS B 68 4.86 -14.33 -4.65
C LYS B 68 4.81 -15.20 -3.40
O21 3GG C . 5.18 -6.10 16.51
C8 3GG C . 5.35 -6.83 15.57
N7 3GG C . 6.55 -7.07 15.03
C3 3GG C . 7.81 -6.63 15.48
C4 3GG C . 8.89 -6.57 14.58
C5 3GG C . 10.17 -6.20 15.04
C6 3GG C . 10.40 -5.93 16.39
C1 3GG C . 9.34 -6.02 17.29
C2 3GG C . 8.06 -6.39 16.84
N9 3GG C . 4.34 -7.51 15.00
C10 3GG C . 3.01 -7.43 15.33
C11 3GG C . 2.19 -8.10 14.46
C12 3GG C . 0.83 -8.15 14.67
C13 3GG C . 0.30 -7.52 15.75
C14 3GG C . 1.11 -6.85 16.68
C15 3GG C . 2.50 -6.79 16.48
C16 3GG C . -1.17 -7.61 15.88
N17 3GG C . -2.02 -7.88 14.83
N18 3GG C . -3.29 -7.83 15.44
N19 3GG C . -3.21 -7.59 16.72
N20 3GG C . -1.86 -7.41 17.07
S SO4 D . -10.02 -8.80 11.93
O1 SO4 D . -10.44 -8.71 13.35
O2 SO4 D . -8.55 -8.78 12.05
O3 SO4 D . -10.48 -10.11 11.38
O4 SO4 D . -10.54 -7.72 11.05
S SO4 E . 3.50 14.53 1.65
O1 SO4 E . 4.58 13.63 2.14
O2 SO4 E . 3.72 15.86 2.27
O3 SO4 E . 3.40 14.66 0.15
O4 SO4 E . 2.20 14.03 2.14
#